data_8DTS
#
_entry.id   8DTS
#
_cell.length_a   38.380
_cell.length_b   9.480
_cell.length_c   30.400
_cell.angle_alpha   90.000
_cell.angle_beta   90.000
_cell.angle_gamma   90.010
#
_symmetry.space_group_name_H-M   'P 1'
#
loop_
_entity.id
_entity.type
_entity.pdbx_description
1 polymer 'DNAJB8 peptide AFSSFN'
2 water water
#
_entity_poly.entity_id   1
_entity_poly.type   'polypeptide(L)'
_entity_poly.pdbx_seq_one_letter_code
;AFSSFN
;
_entity_poly.pdbx_strand_id   A,B,C,D,E,F,G,H,I,J,K,L
#
# COMPACT_ATOMS: atom_id res chain seq x y z
N ALA A 1 8.56 -1.13 -7.70
CA ALA A 1 7.96 -1.00 -9.07
C ALA A 1 6.79 -1.96 -9.24
N PHE A 2 5.93 -1.70 -10.23
N PHE A 2 5.88 -1.66 -10.19
CA PHE A 2 4.99 -2.70 -10.64
CA PHE A 2 4.75 -2.53 -10.55
C PHE A 2 4.66 -2.50 -12.11
C PHE A 2 4.45 -2.37 -12.04
N SER A 3 4.22 -3.58 -12.76
N SER A 3 4.06 -3.46 -12.68
CA SER A 3 3.85 -3.53 -14.16
CA SER A 3 3.71 -3.41 -14.09
C SER A 3 2.74 -4.53 -14.44
C SER A 3 2.74 -4.53 -14.44
N SER A 4 1.91 -4.17 -15.41
N SER A 4 1.86 -4.16 -15.38
CA SER A 4 0.95 -5.09 -16.03
CA SER A 4 0.92 -5.11 -16.01
C SER A 4 1.24 -5.07 -17.52
C SER A 4 1.27 -5.10 -17.50
N PHE A 5 1.35 -6.26 -18.11
CA PHE A 5 1.92 -6.34 -19.44
C PHE A 5 1.54 -7.68 -20.06
N ASN A 6 1.63 -7.74 -21.39
CA ASN A 6 1.30 -8.94 -22.10
C ASN A 6 2.51 -9.85 -22.33
N ALA B 1 7.53 9.40 12.97
CA ALA B 1 6.79 8.29 12.36
C ALA B 1 6.80 8.42 10.85
N PHE B 2 6.52 7.32 10.16
CA PHE B 2 6.23 7.38 8.74
C PHE B 2 5.30 6.25 8.34
N SER B 3 4.62 6.42 7.20
N SER B 3 4.51 6.49 7.29
CA SER B 3 3.72 5.39 6.72
CA SER B 3 3.55 5.52 6.79
C SER B 3 3.43 5.58 5.24
C SER B 3 3.44 5.61 5.27
N SER B 4 3.33 4.47 4.52
N SER B 4 3.15 4.47 4.65
CA SER B 4 2.78 4.44 3.18
CA SER B 4 2.74 4.39 3.25
C SER B 4 1.47 3.66 3.23
C SER B 4 1.43 3.63 3.24
N PHE B 5 0.45 4.16 2.54
CA PHE B 5 -0.91 3.67 2.72
C PHE B 5 -1.77 4.12 1.54
N ASN B 6 -2.87 3.43 1.34
CA ASN B 6 -3.79 3.75 0.25
C ASN B 6 -4.89 4.73 0.64
N ALA C 1 -9.22 0.83 8.01
CA ALA C 1 -8.70 2.01 8.72
C ALA C 1 -7.52 1.57 9.55
N PHE C 2 -6.68 2.54 9.91
CA PHE C 2 -5.68 2.27 10.94
C PHE C 2 -5.38 3.56 11.68
N SER C 3 -4.87 3.41 12.90
N SER C 3 -5.03 3.39 12.96
N SER C 3 -4.94 3.42 12.93
CA SER C 3 -4.49 4.58 13.67
CA SER C 3 -4.88 4.52 13.87
CA SER C 3 -4.54 4.57 13.72
C SER C 3 -3.45 4.21 14.71
C SER C 3 -3.80 4.20 14.88
C SER C 3 -3.36 4.21 14.63
N SER C 4 -2.57 5.18 14.98
N SER C 4 -3.06 5.24 15.25
CA SER C 4 -1.64 5.12 16.10
CA SER C 4 -2.12 5.20 16.36
C SER C 4 -1.94 6.32 17.00
C SER C 4 -2.54 6.31 17.31
N PHE C 5 -1.99 6.09 18.31
N PHE C 5 -2.85 5.95 18.55
CA PHE C 5 -2.56 7.09 19.21
CA PHE C 5 -3.31 6.90 19.55
C PHE C 5 -2.16 6.75 20.65
C PHE C 5 -2.52 6.67 20.82
N ASN C 6 -2.27 7.75 21.55
CA ASN C 6 -1.89 7.60 22.94
C ASN C 6 -3.06 7.20 23.82
N ALA D 1 -16.98 -6.41 -8.22
CA ALA D 1 -16.18 -6.63 -7.01
C ALA D 1 -16.22 -5.37 -6.18
N PHE D 2 -15.93 -5.51 -4.88
CA PHE D 2 -15.65 -4.35 -4.06
C PHE D 2 -14.68 -4.72 -2.96
N SER D 3 -13.90 -3.73 -2.52
N SER D 3 -14.02 -3.71 -2.41
N SER D 3 -13.93 -3.72 -2.50
CA SER D 3 -12.90 -3.96 -1.49
CA SER D 3 -13.14 -3.95 -1.28
CA SER D 3 -12.98 -3.91 -1.41
C SER D 3 -12.75 -2.71 -0.63
C SER D 3 -12.90 -2.65 -0.51
C SER D 3 -12.91 -2.67 -0.53
N SER D 4 -12.53 -2.94 0.67
N SER D 4 -12.80 -2.76 0.82
CA SER D 4 -12.16 -1.90 1.61
CA SER D 4 -12.26 -1.70 1.66
C SER D 4 -10.82 -2.31 2.21
C SER D 4 -10.90 -2.17 2.20
N PHE D 5 -9.90 -1.36 2.32
N PHE D 5 -9.86 -1.31 2.05
CA PHE D 5 -8.53 -1.77 2.57
CA PHE D 5 -8.45 -1.66 2.29
C PHE D 5 -7.67 -0.54 2.89
C PHE D 5 -7.77 -0.52 3.04
N ASN D 6 -6.56 -0.79 3.56
CA ASN D 6 -5.67 0.28 4.01
C ASN D 6 -4.58 0.61 2.98
N ALA E 1 -8.49 -8.36 -12.65
CA ALA E 1 -7.58 -8.64 -11.55
C ALA E 1 -7.54 -7.41 -10.69
N PHE E 2 -7.24 -7.62 -9.41
N PHE E 2 -7.06 -7.60 -9.47
CA PHE E 2 -7.08 -6.53 -8.45
CA PHE E 2 -6.82 -6.45 -8.65
C PHE E 2 -5.89 -6.89 -7.57
C PHE E 2 -5.88 -6.79 -7.51
N SER E 3 -5.20 -5.86 -7.13
N SER E 3 -5.03 -5.83 -7.20
CA SER E 3 -4.23 -6.07 -6.06
CA SER E 3 -4.02 -6.03 -6.17
C SER E 3 -4.04 -4.79 -5.28
C SER E 3 -3.90 -4.78 -5.31
N SER E 4 -3.74 -4.99 -4.00
CA SER E 4 -3.32 -3.94 -3.10
C SER E 4 -1.97 -4.40 -2.52
N PHE E 5 -1.00 -3.53 -2.56
CA PHE E 5 0.36 -3.95 -2.31
C PHE E 5 1.19 -2.74 -1.90
N ASN E 6 2.29 -3.00 -1.24
CA ASN E 6 3.20 -1.95 -0.86
C ASN E 6 4.25 -1.64 -1.93
N ALA F 1 -0.22 0.96 -2.65
CA ALA F 1 -0.74 1.08 -4.01
C ALA F 1 -1.90 0.13 -4.18
N PHE F 2 -2.74 0.43 -5.16
N PHE F 2 -2.75 0.41 -5.17
CA PHE F 2 -3.71 -0.55 -5.60
CA PHE F 2 -3.83 -0.48 -5.58
C PHE F 2 -4.03 -0.33 -7.06
C PHE F 2 -3.93 -0.43 -7.09
N SER F 3 -4.35 -1.43 -7.74
N SER F 3 -4.32 -1.56 -7.69
N SER F 3 -4.56 -1.32 -7.66
CA SER F 3 -4.55 -1.40 -9.18
CA SER F 3 -4.53 -1.60 -9.14
CA SER F 3 -4.90 -1.23 -9.08
C SER F 3 -5.51 -2.51 -9.56
C SER F 3 -5.66 -2.57 -9.47
C SER F 3 -5.97 -2.28 -9.39
N SER F 4 -6.25 -2.25 -10.63
N SER F 4 -6.62 -2.11 -10.29
CA SER F 4 -7.12 -3.23 -11.27
CA SER F 4 -7.60 -2.97 -10.94
C SER F 4 -6.77 -3.24 -12.74
C SER F 4 -7.38 -2.89 -12.44
N PHE F 5 -6.42 -4.40 -13.23
N PHE F 5 -7.34 -4.04 -13.10
CA PHE F 5 -5.94 -4.57 -14.57
CA PHE F 5 -6.82 -4.12 -14.46
C PHE F 5 -6.72 -5.72 -15.17
C PHE F 5 -7.18 -5.47 -15.07
N ASN F 6 -7.13 -5.55 -16.41
CA ASN F 6 -7.53 -6.73 -17.15
C ASN F 6 -6.35 -7.66 -17.41
N ALA G 1 8.42 -3.59 -1.50
CA ALA G 1 8.80 -2.39 -0.78
C ALA G 1 9.95 -2.76 0.09
N PHE G 2 10.82 -1.78 0.39
N PHE G 2 10.68 -1.74 0.50
CA PHE G 2 11.94 -1.94 1.29
CA PHE G 2 11.67 -1.98 1.50
C PHE G 2 11.96 -0.74 2.23
C PHE G 2 11.99 -0.69 2.23
N SER G 3 12.47 -0.97 3.44
N SER G 3 12.36 -0.85 3.49
CA SER G 3 12.65 0.11 4.39
CA SER G 3 12.72 0.31 4.28
C SER G 3 13.80 -0.21 5.33
C SER G 3 13.78 -0.07 5.30
N SER G 4 14.58 0.82 5.64
N SER G 4 14.66 0.88 5.56
CA SER G 4 15.57 0.78 6.70
CA SER G 4 15.58 0.83 6.69
C SER G 4 15.28 1.99 7.59
C SER G 4 15.23 2.00 7.59
N PHE G 5 15.12 1.73 8.87
CA PHE G 5 14.56 2.73 9.76
C PHE G 5 14.96 2.40 11.20
N ASN G 6 14.87 3.42 12.04
CA ASN G 6 15.21 3.24 13.44
C ASN G 6 14.02 2.82 14.29
N ALA H 1 -9.24 3.04 2.13
CA ALA H 1 -9.64 3.16 0.73
C ALA H 1 -10.79 2.22 0.48
N PHE H 2 -11.54 2.50 -0.59
CA PHE H 2 -12.67 1.67 -0.97
C PHE H 2 -12.75 1.72 -2.48
N SER H 3 -13.03 0.58 -3.10
N SER H 3 -13.09 0.58 -3.08
CA SER H 3 -13.30 0.62 -4.53
CA SER H 3 -13.22 0.47 -4.52
C SER H 3 -14.31 -0.45 -4.91
C SER H 3 -14.38 -0.45 -4.85
N SER H 4 -15.17 -0.06 -5.86
CA SER H 4 -16.13 -0.94 -6.50
C SER H 4 -15.80 -0.92 -7.98
N PHE H 5 -15.42 -2.10 -8.49
N PHE H 5 -15.72 -2.09 -8.58
CA PHE H 5 -14.84 -2.28 -9.82
CA PHE H 5 -15.20 -2.11 -9.92
C PHE H 5 -15.60 -3.41 -10.52
C PHE H 5 -15.60 -3.44 -10.55
N ASN H 6 -15.45 -3.48 -11.85
CA ASN H 6 -15.84 -4.65 -12.63
C ASN H 6 -14.61 -5.48 -12.96
N ALA I 1 16.37 7.31 7.91
CA ALA I 1 15.54 6.24 7.36
C ALA I 1 15.55 6.34 5.86
N PHE I 2 15.22 5.24 5.20
N PHE I 2 15.26 5.22 5.19
CA PHE I 2 14.95 5.32 3.78
CA PHE I 2 15.08 5.19 3.74
C PHE I 2 13.99 4.22 3.37
C PHE I 2 13.96 4.23 3.44
N SER I 3 13.16 4.52 2.38
N SER I 3 13.32 4.43 2.30
N SER I 3 13.06 4.65 2.46
CA SER I 3 12.06 3.65 2.00
CA SER I 3 12.38 3.42 1.85
CA SER I 3 12.00 3.76 2.01
C SER I 3 11.75 3.77 0.52
C SER I 3 12.13 3.64 0.36
C SER I 3 11.97 3.69 0.48
N SER I 4 11.53 2.62 -0.12
N SER I 4 12.05 2.55 -0.38
CA SER I 4 11.03 2.53 -1.49
CA SER I 4 11.47 2.57 -1.71
C SER I 4 9.69 1.82 -1.42
C SER I 4 10.26 1.64 -1.71
N PHE I 5 8.63 2.52 -1.85
N PHE I 5 9.21 2.07 -2.40
CA PHE I 5 7.26 2.05 -1.79
CA PHE I 5 7.87 1.52 -2.23
C PHE I 5 6.65 2.24 -3.16
C PHE I 5 7.00 1.98 -3.40
N ASN I 6 5.88 1.26 -3.60
CA ASN I 6 5.00 1.52 -4.74
C ASN I 6 3.91 2.49 -4.36
N ALA J 1 -0.84 11.67 17.23
CA ALA J 1 -1.73 10.61 16.74
C ALA J 1 -1.79 10.68 15.23
N PHE J 2 -2.16 9.57 14.62
CA PHE J 2 -2.30 9.48 13.17
C PHE J 2 -3.45 8.54 12.88
N SER J 3 -4.27 8.89 11.90
N SER J 3 -4.20 8.85 11.83
CA SER J 3 -5.28 7.93 11.46
CA SER J 3 -5.34 8.05 11.45
C SER J 3 -5.51 8.05 9.97
C SER J 3 -5.47 8.07 9.93
N SER J 4 -5.74 6.89 9.35
CA SER J 4 -6.17 6.77 7.97
C SER J 4 -7.48 6.01 7.98
N PHE J 5 -8.48 6.58 7.34
CA PHE J 5 -9.81 6.02 7.50
C PHE J 5 -10.65 6.42 6.30
N ASN J 6 -11.74 5.71 6.11
CA ASN J 6 -12.65 6.01 5.04
C ASN J 6 -13.72 7.00 5.51
N ALA K 1 -0.22 -1.54 3.25
CA ALA K 1 0.20 -0.39 4.05
C ALA K 1 1.39 -0.77 4.92
N PHE K 2 2.14 0.24 5.34
N PHE K 2 2.16 0.23 5.35
CA PHE K 2 3.27 0.08 6.23
CA PHE K 2 3.20 -0.05 6.33
C PHE K 2 3.31 1.28 7.16
C PHE K 2 3.57 1.24 7.05
N SER K 3 3.66 1.07 8.42
N SER K 3 3.93 1.10 8.31
N SER K 3 3.58 0.99 8.45
CA SER K 3 3.83 2.19 9.33
CA SER K 3 4.17 2.24 9.16
CA SER K 3 3.66 2.10 9.38
C SER K 3 4.96 1.87 10.30
C SER K 3 5.24 1.93 10.20
C SER K 3 4.72 1.85 10.43
N SER K 4 5.74 2.89 10.61
N SER K 4 5.40 2.92 10.83
CA SER K 4 6.71 2.87 11.69
CA SER K 4 6.32 2.86 11.96
C SER K 4 6.43 4.05 12.60
C SER K 4 5.98 4.01 12.89
N PHE K 5 6.37 3.80 13.89
N PHE K 5 5.72 3.68 13.96
CA PHE K 5 5.93 4.85 14.77
CA PHE K 5 5.25 4.63 14.97
C PHE K 5 6.46 4.53 16.16
C PHE K 5 6.04 4.46 16.30
N ASN K 6 6.43 5.53 16.99
CA ASN K 6 7.02 5.42 18.32
C ASN K 6 6.05 4.85 19.33
N ALA L 1 0.10 -10.55 -17.69
CA ALA L 1 0.98 -10.78 -16.55
C ALA L 1 0.98 -9.52 -15.68
N PHE L 2 1.38 -9.70 -14.43
N PHE L 2 1.31 -9.68 -14.42
CA PHE L 2 1.53 -8.62 -13.47
CA PHE L 2 1.53 -8.51 -13.61
C PHE L 2 2.74 -8.94 -12.61
C PHE L 2 2.53 -8.85 -12.52
N SER L 3 3.49 -7.91 -12.25
N SER L 3 3.34 -7.85 -12.16
CA SER L 3 4.59 -8.06 -11.32
CA SER L 3 4.43 -8.12 -11.23
C SER L 3 4.65 -6.84 -10.40
C SER L 3 4.82 -6.88 -10.46
N SER L 4 4.96 -7.07 -9.14
N SER L 4 5.17 -7.10 -9.20
CA SER L 4 5.39 -6.04 -8.21
CA SER L 4 5.66 -6.09 -8.28
C SER L 4 6.68 -6.51 -7.58
C SER L 4 7.04 -6.53 -7.85
N PHE L 5 7.66 -5.63 -7.57
N PHE L 5 8.04 -5.72 -8.16
CA PHE L 5 9.02 -6.04 -7.26
CA PHE L 5 9.43 -6.02 -7.82
C PHE L 5 9.78 -4.81 -6.78
C PHE L 5 10.03 -4.81 -7.12
N ASN L 6 10.90 -5.06 -6.14
CA ASN L 6 11.66 -4.00 -5.50
C ASN L 6 12.76 -3.51 -6.42
#